data_2GFJ
#
_entry.id   2GFJ
#
_cell.length_a   105.880
_cell.length_b   105.880
_cell.length_c   197.860
_cell.angle_alpha   90.00
_cell.angle_beta   90.00
_cell.angle_gamma   120.00
#
_symmetry.space_group_name_H-M   'P 62 2 2'
#
loop_
_entity.id
_entity.type
_entity.pdbx_description
1 polymer 'Metallo-beta-lactamase L1'
2 non-polymer 'ZINC ION'
3 non-polymer 'SULFATE ION'
4 non-polymer '1,3-DIPHENYL-1H-PYRAZOLE-4,5-DICARBOXYLIC ACID'
5 water water
#
_entity_poly.entity_id   1
_entity_poly.type   'polypeptide(L)'
_entity_poly.pdbx_seq_one_letter_code
;AEVPLPQLRAYTVDASWLQPMAPLQIADHTWQIGTEDLTALLVQTPDGAVLLDGGMPQMASHLLDNMKARGVTPRDLRLI
LLSHAHADHAGPVAELKRRTGAKVAANAESAVLLARGGSDDLHFGDGITYPPANADRIVMDGEVITVGGIVFTAHFMAGH
TPGSTAWTWTDTRNGKPVRIAYADSLSAPGYQLQGNPRYPHLIEDYRRSFATVRALPCDVLLTPHPGASNWDYAAGARAG
AKALTCKAYADAAEQKFDGQLAKETAGAR
;
_entity_poly.pdbx_strand_id   A,B
#
loop_
_chem_comp.id
_chem_comp.type
_chem_comp.name
_chem_comp.formula
SO4 non-polymer 'SULFATE ION' 'O4 S -2'
VI non-polymer '1,3-DIPHENYL-1H-PYRAZOLE-4,5-DICARBOXYLIC ACID' 'C17 H12 N2 O4'
ZN non-polymer 'ZINC ION' 'Zn 2'
#
# COMPACT_ATOMS: atom_id res chain seq x y z
N GLU A 2 12.82 -29.02 2.43
CA GLU A 2 12.43 -27.94 1.45
C GLU A 2 11.63 -26.81 2.11
N VAL A 3 12.02 -25.59 1.77
CA VAL A 3 11.80 -24.40 2.58
C VAL A 3 11.00 -23.40 1.78
N PRO A 4 9.83 -22.95 2.29
CA PRO A 4 9.04 -21.95 1.55
C PRO A 4 9.63 -20.53 1.72
N LEU A 5 9.19 -19.61 0.86
CA LEU A 5 9.46 -18.18 1.04
C LEU A 5 8.91 -17.74 2.41
N PRO A 6 9.55 -16.75 3.05
CA PRO A 6 9.08 -16.29 4.37
C PRO A 6 7.66 -15.67 4.29
N GLN A 7 6.92 -15.70 5.39
CA GLN A 7 5.66 -14.94 5.45
C GLN A 7 5.96 -13.43 5.46
N LEU A 8 4.98 -12.61 5.08
CA LEU A 8 5.13 -11.18 5.29
C LEU A 8 5.21 -10.85 6.79
N ARG A 9 6.09 -9.91 7.16
CA ARG A 9 6.20 -9.42 8.55
C ARG A 9 5.61 -8.01 8.62
N ALA A 10 4.66 -7.81 9.54
CA ALA A 10 4.17 -6.46 9.85
C ALA A 10 5.23 -5.75 10.70
N TYR A 11 5.42 -4.46 10.46
CA TYR A 11 6.28 -3.64 11.33
C TYR A 11 5.59 -3.46 12.69
N THR A 12 6.25 -3.90 13.78
CA THR A 12 5.74 -3.67 15.15
C THR A 12 6.49 -2.54 15.84
N VAL A 13 5.84 -1.91 16.82
CA VAL A 13 6.38 -0.74 17.50
C VAL A 13 6.15 -0.93 19.02
N ASP A 14 6.90 -0.21 19.85
CA ASP A 14 6.69 -0.18 21.30
C ASP A 14 5.25 0.15 21.63
N ALA A 15 4.73 -0.45 22.69
CA ALA A 15 3.36 -0.23 23.13
C ALA A 15 3.02 1.24 23.31
N SER A 16 3.93 2.04 23.88
CA SER A 16 3.69 3.50 24.12
C SER A 16 3.33 4.32 22.84
N TRP A 17 3.86 3.87 21.70
CA TRP A 17 3.56 4.44 20.37
C TRP A 17 2.08 4.25 19.99
N LEU A 18 1.43 3.24 20.58
CA LEU A 18 0.03 2.87 20.29
C LEU A 18 -0.90 3.08 21.50
N GLN A 19 -0.42 3.84 22.48
CA GLN A 19 -1.21 4.05 23.71
C GLN A 19 -2.03 5.35 23.69
N PRO A 20 -3.36 5.22 23.60
CA PRO A 20 -4.20 6.41 23.50
C PRO A 20 -4.04 7.34 24.70
N MET A 21 -4.14 8.66 24.47
CA MET A 21 -4.10 9.67 25.53
C MET A 21 -5.17 10.67 25.17
N ALA A 22 -5.73 11.34 26.18
CA ALA A 22 -6.66 12.47 26.01
C ALA A 22 -5.97 13.70 25.39
N PRO A 23 -6.76 14.64 24.83
CA PRO A 23 -6.10 15.83 24.33
C PRO A 23 -5.23 16.58 25.35
N LEU A 24 -4.02 16.95 24.92
CA LEU A 24 -3.12 17.75 25.75
C LEU A 24 -2.91 19.14 25.11
N GLN A 25 -3.28 20.19 25.85
CA GLN A 25 -3.17 21.54 25.29
C GLN A 25 -1.72 22.09 25.21
N ILE A 26 -1.31 22.59 24.03
CA ILE A 26 0.04 23.14 23.84
C ILE A 26 0.01 24.67 23.96
N ALA A 27 -1.02 25.25 23.35
CA ALA A 27 -1.23 26.69 23.33
C ALA A 27 -2.74 26.95 23.12
N ASP A 28 -3.15 28.21 22.96
CA ASP A 28 -4.57 28.50 22.95
C ASP A 28 -5.38 27.69 21.95
N HIS A 29 -4.87 27.52 20.71
CA HIS A 29 -5.66 26.79 19.68
C HIS A 29 -5.05 25.43 19.24
N THR A 30 -3.99 24.96 19.93
CA THR A 30 -3.14 23.86 19.44
C THR A 30 -3.11 22.77 20.51
N TRP A 31 -3.45 21.54 20.12
CA TRP A 31 -3.52 20.40 21.03
C TRP A 31 -2.80 19.17 20.48
N GLN A 32 -2.11 18.42 21.33
CA GLN A 32 -1.68 17.06 20.96
C GLN A 32 -2.84 16.04 21.16
N ILE A 33 -3.20 15.32 20.09
CA ILE A 33 -4.34 14.39 20.13
C ILE A 33 -3.99 12.94 19.75
N GLY A 34 -2.70 12.66 19.54
CA GLY A 34 -2.26 11.32 19.15
C GLY A 34 -2.07 10.38 20.34
N THR A 35 -1.01 9.59 20.29
CA THR A 35 -0.72 8.66 21.33
C THR A 35 0.28 9.28 22.31
N GLU A 36 0.83 8.31 23.45
CA GLU A 36 1.87 8.83 24.29
C GLU A 36 3.15 9.11 23.50
N ASP A 37 3.48 8.29 22.50
CA ASP A 37 4.74 8.47 21.78
C ASP A 37 4.71 8.78 20.29
N LEU A 38 3.58 9.23 19.76
CA LEU A 38 3.54 9.71 18.37
C LEU A 38 2.69 10.98 18.36
N THR A 39 3.26 12.04 17.76
CA THR A 39 2.60 13.34 17.68
C THR A 39 1.52 13.35 16.61
N ALA A 40 0.40 13.96 16.95
CA ALA A 40 -0.66 14.31 15.98
C ALA A 40 -1.28 15.61 16.49
N LEU A 41 -1.02 16.72 15.79
CA LEU A 41 -1.44 18.05 16.28
C LEU A 41 -2.75 18.54 15.69
N LEU A 42 -3.68 18.91 16.58
CA LEU A 42 -4.94 19.50 16.16
C LEU A 42 -4.85 21.02 16.36
N VAL A 43 -5.07 21.81 15.30
CA VAL A 43 -5.19 23.27 15.43
C VAL A 43 -6.63 23.67 15.12
N GLN A 44 -7.31 24.21 16.15
CA GLN A 44 -8.73 24.56 16.11
C GLN A 44 -8.94 26.07 15.95
N THR A 45 -9.74 26.45 14.95
CA THR A 45 -9.92 27.86 14.57
C THR A 45 -11.43 28.16 14.41
N PRO A 46 -11.83 29.46 14.44
CA PRO A 46 -13.22 29.80 14.19
C PRO A 46 -13.68 29.52 12.77
N ASP A 47 -12.77 29.10 11.89
CA ASP A 47 -13.11 28.75 10.51
C ASP A 47 -12.56 27.35 10.13
N GLY A 48 -12.72 26.39 11.06
CA GLY A 48 -12.36 24.99 10.80
C GLY A 48 -11.08 24.59 11.54
N ALA A 49 -10.77 23.28 11.44
CA ALA A 49 -9.60 22.67 12.06
C ALA A 49 -8.53 22.12 11.04
N VAL A 50 -7.30 22.00 11.52
CA VAL A 50 -6.17 21.50 10.76
C VAL A 50 -5.59 20.36 11.60
N LEU A 51 -5.20 19.27 10.94
CA LEU A 51 -4.42 18.20 11.54
C LEU A 51 -3.00 18.10 10.93
N LEU A 52 -1.99 18.16 11.79
CA LEU A 52 -0.58 17.91 11.45
C LEU A 52 -0.14 16.55 11.97
N ASP A 53 -0.03 15.65 10.98
CA ASP A 53 0.25 14.19 11.14
C ASP A 53 -0.90 13.39 11.81
N GLY A 54 -0.92 12.09 11.57
CA GLY A 54 -1.92 11.21 12.18
C GLY A 54 -1.33 10.00 12.93
N GLY A 55 -0.03 9.82 12.83
CA GLY A 55 0.64 8.69 13.45
C GLY A 55 0.55 7.40 12.65
N MET A 56 0.38 6.28 13.36
CA MET A 56 0.29 4.97 12.76
C MET A 56 -1.07 4.69 12.08
N PRO A 57 -1.21 3.55 10.92
CA PRO A 57 -2.52 3.28 10.25
C PRO A 57 -3.69 3.01 11.23
N GLN A 58 -3.42 2.35 12.35
CA GLN A 58 -4.48 1.95 13.27
C GLN A 58 -4.99 3.08 14.20
N MET A 59 -4.45 4.29 14.05
CA MET A 59 -4.85 5.43 14.90
C MET A 59 -6.05 6.25 14.44
N ALA A 60 -6.64 5.99 13.25
CA ALA A 60 -7.74 6.87 12.71
C ALA A 60 -8.93 7.12 13.67
N SER A 61 -9.53 6.06 14.20
CA SER A 61 -10.71 6.14 15.10
C SER A 61 -10.42 6.90 16.41
N HIS A 62 -9.25 6.69 16.98
CA HIS A 62 -8.81 7.43 18.18
C HIS A 62 -8.68 8.93 17.90
N LEU A 63 -8.06 9.29 16.77
CA LEU A 63 -7.98 10.69 16.35
C LEU A 63 -9.38 11.35 16.26
N LEU A 64 -10.31 10.62 15.64
CA LEU A 64 -11.66 11.11 15.45
C LEU A 64 -12.40 11.28 16.78
N ASP A 65 -12.18 10.35 17.71
CA ASP A 65 -12.71 10.45 19.09
C ASP A 65 -12.16 11.68 19.82
N ASN A 66 -10.86 11.91 19.73
CA ASN A 66 -10.23 13.09 20.34
C ASN A 66 -10.71 14.42 19.69
N MET A 67 -10.91 14.42 18.37
CA MET A 67 -11.50 15.59 17.69
C MET A 67 -12.91 15.89 18.20
N LYS A 68 -13.74 14.84 18.30
CA LYS A 68 -15.11 14.98 18.87
C LYS A 68 -15.09 15.53 20.32
N ALA A 69 -14.21 14.99 21.16
CA ALA A 69 -13.99 15.52 22.51
C ALA A 69 -13.62 17.01 22.50
N ARG A 70 -12.92 17.50 21.48
CA ARG A 70 -12.59 18.93 21.38
C ARG A 70 -13.69 19.78 20.73
N GLY A 71 -14.77 19.13 20.25
CA GLY A 71 -15.87 19.82 19.52
C GLY A 71 -15.70 19.93 18.01
N VAL A 72 -14.73 19.21 17.46
CA VAL A 72 -14.44 19.19 16.02
C VAL A 72 -15.16 17.98 15.42
N THR A 73 -16.13 18.23 14.54
CA THR A 73 -16.84 17.15 13.83
C THR A 73 -16.02 16.78 12.58
N PRO A 74 -16.31 15.61 11.95
CA PRO A 74 -15.72 15.22 10.65
C PRO A 74 -15.78 16.29 9.54
N ARG A 75 -16.94 16.94 9.39
CA ARG A 75 -17.12 18.08 8.47
C ARG A 75 -16.21 19.27 8.80
N ASP A 76 -15.90 19.48 10.09
CA ASP A 76 -15.05 20.60 10.54
C ASP A 76 -13.56 20.50 10.22
N LEU A 77 -13.06 19.28 10.00
CA LEU A 77 -11.67 19.09 9.62
C LEU A 77 -11.43 19.42 8.11
N ARG A 78 -10.70 20.52 7.87
CA ARG A 78 -10.50 21.10 6.53
C ARG A 78 -9.18 20.68 5.85
N LEU A 79 -8.15 20.39 6.65
CA LEU A 79 -6.79 20.28 6.09
C LEU A 79 -5.96 19.28 6.89
N ILE A 80 -5.18 18.43 6.18
CA ILE A 80 -4.14 17.61 6.81
C ILE A 80 -2.81 18.06 6.21
N LEU A 81 -1.80 18.33 7.06
CA LEU A 81 -0.41 18.57 6.63
C LEU A 81 0.45 17.49 7.22
N LEU A 82 1.63 17.26 6.61
CA LEU A 82 2.55 16.16 7.03
C LEU A 82 3.97 16.61 7.29
N SER A 83 4.63 15.98 8.27
CA SER A 83 6.08 16.20 8.47
C SER A 83 6.82 15.44 7.37
N HIS A 84 6.61 14.12 7.35
CA HIS A 84 7.00 13.28 6.21
C HIS A 84 6.06 12.06 6.09
N ALA A 85 6.09 11.44 4.91
CA ALA A 85 5.09 10.47 4.50
C ALA A 85 5.58 9.02 4.75
N HIS A 86 6.09 8.80 5.97
CA HIS A 86 6.34 7.45 6.46
C HIS A 86 5.10 6.92 7.18
N ALA A 87 5.00 5.58 7.25
CA ALA A 87 3.88 4.85 7.85
C ALA A 87 3.56 5.26 9.29
N ASP A 88 4.60 5.61 10.06
CA ASP A 88 4.41 6.00 11.44
C ASP A 88 3.96 7.45 11.62
N HIS A 89 3.80 8.25 10.54
CA HIS A 89 3.25 9.63 10.73
C HIS A 89 2.07 9.90 9.79
N ALA A 90 2.11 9.30 8.59
CA ALA A 90 1.06 9.46 7.57
C ALA A 90 0.10 8.23 7.50
N GLY A 91 0.35 7.24 8.36
CA GLY A 91 -0.39 5.97 8.33
C GLY A 91 -1.90 6.01 8.11
N PRO A 92 -2.65 6.85 8.89
CA PRO A 92 -4.11 6.86 8.68
C PRO A 92 -4.67 7.94 7.74
N VAL A 93 -3.86 8.63 6.91
CA VAL A 93 -4.34 9.74 6.07
C VAL A 93 -5.45 9.32 5.11
N ALA A 94 -5.27 8.20 4.38
CA ALA A 94 -6.30 7.74 3.41
C ALA A 94 -7.63 7.51 4.09
N GLU A 95 -7.61 6.76 5.21
CA GLU A 95 -8.83 6.57 6.06
C GLU A 95 -9.48 7.89 6.58
N LEU A 96 -8.68 8.82 7.14
CA LEU A 96 -9.21 10.13 7.56
C LEU A 96 -9.82 10.88 6.39
N LYS A 97 -9.21 10.83 5.20
CA LYS A 97 -9.84 11.53 4.03
C LYS A 97 -11.24 10.94 3.69
N ARG A 98 -11.38 9.61 3.71
CA ARG A 98 -12.67 8.94 3.51
C ARG A 98 -13.70 9.32 4.56
N ARG A 99 -13.28 9.49 5.82
CA ARG A 99 -14.24 9.69 6.95
C ARG A 99 -14.51 11.17 7.35
N THR A 100 -13.92 12.14 6.64
CA THR A 100 -14.01 13.55 7.02
C THR A 100 -14.01 14.47 5.79
N GLY A 101 -14.18 15.77 6.01
CA GLY A 101 -14.00 16.73 4.91
C GLY A 101 -12.58 17.06 4.47
N ALA A 102 -11.56 16.41 5.06
CA ALA A 102 -10.18 16.95 5.00
C ALA A 102 -9.56 16.78 3.64
N LYS A 103 -8.87 17.82 3.19
CA LYS A 103 -8.00 17.72 2.03
C LYS A 103 -6.54 17.80 2.47
N VAL A 104 -5.67 17.15 1.69
CA VAL A 104 -4.24 17.07 2.00
C VAL A 104 -3.42 18.12 1.22
N ALA A 105 -2.58 18.87 1.93
CA ALA A 105 -1.56 19.70 1.24
C ALA A 105 -0.17 19.20 1.51
N ALA A 106 0.63 19.03 0.45
CA ALA A 106 1.98 18.53 0.61
C ALA A 106 2.88 18.96 -0.54
N ASN A 107 4.19 18.97 -0.28
CA ASN A 107 5.19 19.20 -1.37
C ASN A 107 5.21 18.00 -2.36
N ALA A 108 5.81 18.19 -3.56
CA ALA A 108 5.77 17.15 -4.61
C ALA A 108 6.41 15.83 -4.16
N GLU A 109 7.49 15.93 -3.41
CA GLU A 109 8.20 14.71 -2.95
C GLU A 109 7.31 13.88 -1.98
N SER A 110 6.74 14.54 -0.98
CA SER A 110 5.79 13.93 -0.02
C SER A 110 4.53 13.36 -0.72
N ALA A 111 3.98 14.10 -1.68
CA ALA A 111 2.84 13.66 -2.48
C ALA A 111 3.13 12.35 -3.27
N VAL A 112 4.29 12.28 -3.88
CA VAL A 112 4.63 11.11 -4.65
C VAL A 112 4.79 9.85 -3.76
N LEU A 113 5.47 10.02 -2.63
CA LEU A 113 5.64 8.95 -1.65
C LEU A 113 4.29 8.55 -0.96
N LEU A 114 3.44 9.53 -0.60
CA LEU A 114 2.10 9.23 -0.07
C LEU A 114 1.21 8.44 -1.06
N ALA A 115 1.29 8.81 -2.35
CA ALA A 115 0.52 8.17 -3.43
C ALA A 115 0.96 6.70 -3.66
N ARG A 116 2.21 6.39 -3.34
CA ARG A 116 2.71 5.00 -3.37
C ARG A 116 2.45 4.30 -2.04
N GLY A 117 1.82 4.94 -1.06
CA GLY A 117 1.73 4.30 0.27
C GLY A 117 3.06 3.88 0.90
N GLY A 118 4.12 4.64 0.63
CA GLY A 118 5.39 4.48 1.30
C GLY A 118 6.22 3.33 0.72
N SER A 119 5.71 2.70 -0.35
CA SER A 119 6.46 1.62 -1.05
C SER A 119 7.60 2.22 -1.85
N ASP A 120 8.55 1.37 -2.23
CA ASP A 120 9.79 1.78 -2.93
C ASP A 120 10.46 2.96 -2.24
N ASP A 121 10.57 2.84 -0.91
CA ASP A 121 11.27 3.84 -0.11
C ASP A 121 12.76 3.81 -0.43
N LEU A 122 13.42 4.96 -0.43
CA LEU A 122 14.87 5.02 -0.82
C LEU A 122 15.74 4.14 0.06
N HIS A 123 15.33 4.01 1.34
CA HIS A 123 16.08 3.23 2.32
C HIS A 123 15.38 1.96 2.84
N PHE A 124 14.07 1.98 3.03
CA PHE A 124 13.35 0.84 3.64
C PHE A 124 12.81 -0.11 2.56
N GLY A 125 13.03 0.21 1.29
CA GLY A 125 12.41 -0.53 0.19
C GLY A 125 10.89 -0.65 0.26
N ASP A 126 10.19 -2.15 0.38
CA ASP A 126 8.74 -2.29 0.53
C ASP A 126 8.45 -2.73 1.94
N GLY A 127 9.39 -2.44 2.83
CA GLY A 127 9.32 -2.86 4.23
C GLY A 127 8.31 -2.17 5.14
N ILE A 128 7.91 -0.94 4.79
CA ILE A 128 7.05 -0.13 5.65
C ILE A 128 5.91 0.53 4.84
N THR A 129 5.07 -0.31 4.22
CA THR A 129 3.99 0.18 3.39
C THR A 129 2.72 0.50 4.24
N TYR A 130 1.92 1.46 3.78
CA TYR A 130 0.64 1.84 4.41
C TYR A 130 -0.37 2.17 3.28
N PRO A 131 -1.69 2.33 3.59
CA PRO A 131 -2.59 2.66 2.46
C PRO A 131 -2.30 3.98 1.72
N PRO A 132 -2.19 3.91 0.38
CA PRO A 132 -1.87 5.11 -0.42
C PRO A 132 -2.96 6.15 -0.30
N ALA A 133 -2.64 7.64 -0.42
CA ALA A 133 -3.60 8.73 -0.46
C ALA A 133 -3.12 9.74 -1.48
N ASN A 134 -4.06 10.53 -2.01
CA ASN A 134 -3.69 11.58 -2.94
C ASN A 134 -3.65 12.93 -2.25
N ALA A 135 -2.66 13.76 -2.63
CA ALA A 135 -2.61 15.17 -2.21
C ALA A 135 -3.59 16.01 -3.06
N ASP A 136 -4.22 16.99 -2.45
CA ASP A 136 -5.18 17.85 -3.16
C ASP A 136 -4.57 19.19 -3.60
N ARG A 137 -3.45 19.54 -2.97
CA ARG A 137 -2.76 20.81 -3.18
C ARG A 137 -1.26 20.56 -3.07
N ILE A 138 -0.50 21.06 -4.05
CA ILE A 138 0.97 20.96 -4.00
C ILE A 138 1.56 22.29 -3.49
N VAL A 139 2.42 22.23 -2.47
CA VAL A 139 3.10 23.44 -1.95
C VAL A 139 4.60 23.53 -2.29
N MET A 140 5.08 24.76 -2.40
CA MET A 140 6.48 25.08 -2.63
C MET A 140 7.13 25.54 -1.34
N ASP A 141 8.47 25.55 -1.30
CA ASP A 141 9.20 25.98 -0.11
C ASP A 141 8.87 27.43 0.24
N GLY A 142 8.54 27.65 1.50
CA GLY A 142 8.18 29.00 2.01
C GLY A 142 6.76 29.40 1.71
N GLU A 143 5.99 28.51 1.08
CA GLU A 143 4.59 28.87 0.79
C GLU A 143 3.74 28.86 2.06
N VAL A 144 2.78 29.77 2.13
CA VAL A 144 1.90 29.86 3.31
C VAL A 144 0.51 29.28 3.01
N ILE A 145 -0.07 28.62 4.03
CA ILE A 145 -1.49 28.26 4.01
C ILE A 145 -2.14 28.83 5.28
N THR A 146 -3.24 29.55 5.08
CA THR A 146 -3.96 30.19 6.19
C THR A 146 -5.33 29.52 6.43
N VAL A 147 -5.59 29.13 7.68
CA VAL A 147 -6.91 28.66 8.14
C VAL A 147 -7.33 29.42 9.43
N GLY A 148 -8.47 30.11 9.37
CA GLY A 148 -9.03 30.81 10.53
C GLY A 148 -7.99 31.72 11.13
N GLY A 149 -7.23 32.36 10.24
CA GLY A 149 -6.18 33.29 10.61
C GLY A 149 -4.98 32.70 11.30
N ILE A 150 -4.88 31.37 11.36
CA ILE A 150 -3.60 30.77 11.74
C ILE A 150 -2.85 30.57 10.41
N VAL A 151 -1.61 31.04 10.35
CA VAL A 151 -0.81 31.04 9.11
C VAL A 151 0.26 29.96 9.27
N PHE A 152 0.16 28.92 8.43
CA PHE A 152 1.17 27.85 8.42
C PHE A 152 2.22 28.08 7.31
N THR A 153 3.49 28.09 7.68
CA THR A 153 4.55 28.25 6.69
C THR A 153 5.36 26.95 6.55
N ALA A 154 5.56 26.52 5.31
CA ALA A 154 6.35 25.34 4.95
C ALA A 154 7.83 25.67 4.87
N HIS A 155 8.69 24.93 5.59
CA HIS A 155 10.15 25.08 5.46
C HIS A 155 10.72 23.70 5.07
N PHE A 156 11.16 23.55 3.81
CA PHE A 156 11.68 22.28 3.32
C PHE A 156 12.96 22.01 4.09
N MET A 157 13.08 20.60 4.61
CA MET A 157 14.26 20.23 5.35
C MET A 157 14.57 18.78 4.93
N ALA A 158 14.87 18.63 3.63
CA ALA A 158 15.19 17.34 3.00
C ALA A 158 16.31 16.56 3.68
N GLY A 159 16.13 15.24 3.74
CA GLY A 159 17.16 14.32 4.29
C GLY A 159 16.52 13.03 4.79
N HIS A 160 15.81 13.11 5.92
CA HIS A 160 15.12 11.95 6.44
C HIS A 160 14.21 11.34 5.36
N THR A 161 13.50 12.21 4.65
CA THR A 161 12.93 11.88 3.36
C THR A 161 13.21 13.07 2.46
N PRO A 162 13.21 12.83 1.13
CA PRO A 162 13.29 13.96 0.21
C PRO A 162 12.28 15.09 0.47
N GLY A 163 11.05 14.73 0.85
CA GLY A 163 9.98 15.69 1.11
C GLY A 163 9.78 16.20 2.53
N SER A 164 10.69 15.82 3.45
CA SER A 164 10.66 16.31 4.84
C SER A 164 10.45 17.83 4.97
N THR A 165 9.49 18.23 5.80
CA THR A 165 9.06 19.64 5.97
C THR A 165 8.92 19.99 7.47
N ALA A 166 9.40 21.18 7.87
CA ALA A 166 9.05 21.80 9.17
C ALA A 166 7.87 22.76 8.93
N TRP A 167 6.82 22.69 9.74
CA TRP A 167 5.69 23.64 9.64
C TRP A 167 5.77 24.62 10.83
N THR A 168 5.67 25.92 10.53
CA THR A 168 5.66 26.93 11.59
C THR A 168 4.36 27.77 11.58
N TRP A 169 3.89 28.09 12.79
CA TRP A 169 2.75 28.99 12.99
C TRP A 169 2.81 29.76 14.32
N THR A 170 2.02 30.81 14.40
CA THR A 170 1.98 31.61 15.64
C THR A 170 0.62 31.43 16.32
N ASP A 171 0.64 30.96 17.57
CA ASP A 171 -0.57 30.83 18.39
C ASP A 171 -0.37 31.82 19.56
N THR A 172 -1.19 31.72 20.61
CA THR A 172 -1.10 32.60 21.81
C THR A 172 -1.15 31.78 23.09
N ARG A 173 -0.58 32.34 24.16
CA ARG A 173 -0.75 31.79 25.52
C ARG A 173 -0.65 33.01 26.45
N ASN A 174 -1.68 33.25 27.26
CA ASN A 174 -1.69 34.42 28.17
C ASN A 174 -1.67 35.78 27.47
N GLY A 175 -2.40 35.89 26.38
CA GLY A 175 -2.38 37.12 25.61
C GLY A 175 -1.10 37.38 24.83
N LYS A 176 -0.09 36.50 24.97
CA LYS A 176 1.22 36.67 24.30
C LYS A 176 1.43 35.67 23.14
N PRO A 177 2.09 36.13 22.05
CA PRO A 177 2.39 35.17 20.97
C PRO A 177 3.32 34.02 21.37
N VAL A 178 3.03 32.84 20.81
CA VAL A 178 3.88 31.65 20.93
C VAL A 178 4.16 31.18 19.50
N ARG A 179 5.42 31.33 19.07
CA ARG A 179 5.89 30.84 17.77
C ARG A 179 6.21 29.35 17.86
N ILE A 180 5.29 28.53 17.37
CA ILE A 180 5.43 27.06 17.41
C ILE A 180 6.16 26.55 16.14
N ALA A 181 7.17 25.68 16.35
CA ALA A 181 7.87 24.99 15.26
C ALA A 181 7.69 23.49 15.38
N TYR A 182 6.94 22.93 14.43
CA TYR A 182 6.82 21.48 14.26
C TYR A 182 7.88 21.03 13.23
N ALA A 183 9.05 20.61 13.74
CA ALA A 183 10.24 20.35 12.89
C ALA A 183 10.26 18.87 12.62
N ASP A 184 10.46 18.52 11.36
CA ASP A 184 10.54 17.05 11.01
C ASP A 184 11.74 16.35 11.65
N SER A 185 11.70 15.00 11.65
CA SER A 185 12.83 14.13 12.02
C SER A 185 14.16 14.45 11.29
N LEU A 186 15.26 14.33 12.01
CA LEU A 186 16.62 14.54 11.47
C LEU A 186 17.42 13.27 11.70
N SER A 187 16.71 12.06 11.89
CA SER A 187 17.34 10.74 12.03
C SER A 187 17.66 10.21 10.63
N ALA A 188 18.50 9.16 10.64
CA ALA A 188 18.85 8.43 9.46
C ALA A 188 18.88 6.93 9.80
N PRO A 189 17.72 6.36 10.24
CA PRO A 189 17.70 5.00 10.83
C PRO A 189 18.15 3.90 9.87
N GLY A 190 19.38 3.43 9.99
CA GLY A 190 19.82 2.33 9.13
C GLY A 190 20.14 2.75 7.70
N TYR A 191 20.23 4.07 7.48
CA TYR A 191 20.56 4.60 6.12
C TYR A 191 22.00 4.40 5.71
N GLN A 192 22.22 4.06 4.44
CA GLN A 192 23.54 4.29 3.82
C GLN A 192 23.64 5.78 3.43
N LEU A 193 24.59 6.50 4.04
CA LEU A 193 24.69 7.96 3.87
C LEU A 193 25.61 8.38 2.72
N GLN A 194 26.77 7.73 2.61
CA GLN A 194 27.80 8.11 1.62
C GLN A 194 27.70 7.29 0.31
N GLY A 195 27.86 7.94 -0.85
CA GLY A 195 27.81 7.25 -2.16
C GLY A 195 26.51 6.50 -2.46
N ASN A 196 25.37 7.00 -1.96
CA ASN A 196 24.07 6.30 -2.11
C ASN A 196 23.49 6.60 -3.50
N PRO A 197 23.40 5.56 -4.38
CA PRO A 197 22.98 5.88 -5.77
C PRO A 197 21.55 6.43 -5.88
N ARG A 198 20.66 6.06 -4.94
CA ARG A 198 19.29 6.53 -4.92
C ARG A 198 19.17 7.94 -4.29
N TYR A 199 20.21 8.39 -3.58
CA TYR A 199 20.20 9.76 -2.99
C TYR A 199 21.64 10.33 -3.01
N PRO A 200 22.17 10.71 -4.21
CA PRO A 200 23.58 11.14 -4.32
C PRO A 200 24.00 12.34 -3.45
N HIS A 201 23.09 13.30 -3.16
CA HIS A 201 23.42 14.49 -2.37
C HIS A 201 22.82 14.45 -0.96
N LEU A 202 22.60 13.24 -0.46
CA LEU A 202 22.04 13.02 0.86
C LEU A 202 22.78 13.84 1.95
N ILE A 203 24.12 13.77 1.98
CA ILE A 203 24.85 14.46 3.06
C ILE A 203 24.71 16.00 3.03
N GLU A 204 24.83 16.64 1.85
CA GLU A 204 24.66 18.09 1.72
C GLU A 204 23.25 18.52 2.11
N ASP A 205 22.24 17.70 1.75
CA ASP A 205 20.84 17.97 2.13
C ASP A 205 20.63 17.96 3.64
N TYR A 206 21.13 16.94 4.33
CA TYR A 206 21.12 16.96 5.81
C TYR A 206 21.85 18.17 6.41
N ARG A 207 23.07 18.48 5.91
CA ARG A 207 23.78 19.71 6.37
C ARG A 207 22.95 20.99 6.23
N ARG A 208 22.35 21.22 5.08
CA ARG A 208 21.47 22.38 4.88
C ARG A 208 20.27 22.30 5.81
N SER A 209 19.73 21.08 6.02
CA SER A 209 18.57 20.94 6.92
C SER A 209 18.88 21.25 8.40
N PHE A 210 20.08 20.87 8.87
CA PHE A 210 20.50 21.28 10.24
C PHE A 210 20.43 22.83 10.40
N ALA A 211 20.92 23.54 9.38
CA ALA A 211 20.95 25.00 9.36
C ALA A 211 19.55 25.63 9.33
N THR A 212 18.64 25.02 8.57
CA THR A 212 17.27 25.48 8.41
C THR A 212 16.55 25.32 9.75
N VAL A 213 16.71 24.16 10.37
CA VAL A 213 16.11 23.91 11.69
C VAL A 213 16.62 24.87 12.81
N ARG A 214 17.92 25.06 12.89
CA ARG A 214 18.56 25.98 13.84
C ARG A 214 17.96 27.39 13.79
N ALA A 215 17.61 27.83 12.58
CA ALA A 215 17.12 29.21 12.36
C ALA A 215 15.60 29.42 12.37
N LEU A 216 14.80 28.37 12.60
CA LEU A 216 13.32 28.54 12.61
C LEU A 216 12.84 29.52 13.70
N PRO A 217 11.71 30.23 13.45
CA PRO A 217 11.06 30.95 14.57
C PRO A 217 10.47 29.91 15.56
N CYS A 218 10.92 29.95 16.83
CA CYS A 218 10.90 28.74 17.64
C CYS A 218 10.83 28.93 19.15
N ASP A 219 9.73 29.53 19.62
CA ASP A 219 9.44 29.67 21.07
C ASP A 219 9.18 28.31 21.72
N VAL A 220 8.50 27.43 20.97
CA VAL A 220 8.22 26.02 21.32
C VAL A 220 8.49 25.08 20.13
N LEU A 221 9.35 24.08 20.37
CA LEU A 221 9.68 23.03 19.38
C LEU A 221 8.88 21.76 19.71
N LEU A 222 8.21 21.20 18.69
CA LEU A 222 7.61 19.86 18.79
C LEU A 222 8.20 19.01 17.64
N THR A 223 8.25 17.69 17.82
CA THR A 223 8.74 16.76 16.78
C THR A 223 7.84 15.52 16.63
N PRO A 224 7.87 14.87 15.43
CA PRO A 224 6.96 13.74 15.22
C PRO A 224 7.14 12.59 16.22
N HIS A 225 8.38 12.22 16.54
CA HIS A 225 8.68 11.39 17.73
C HIS A 225 8.98 12.38 18.90
N PRO A 226 8.08 12.49 19.90
CA PRO A 226 8.24 13.51 20.98
C PRO A 226 9.55 13.43 21.76
N GLY A 227 10.06 12.22 21.96
CA GLY A 227 11.34 12.01 22.63
C GLY A 227 12.52 12.73 22.00
N ALA A 228 12.51 12.90 20.68
CA ALA A 228 13.55 13.65 19.96
C ALA A 228 13.75 15.11 20.40
N SER A 229 12.65 15.76 20.80
CA SER A 229 12.67 17.15 21.30
C SER A 229 12.51 17.21 22.85
N ASN A 230 12.65 16.07 23.51
CA ASN A 230 12.49 15.90 24.97
C ASN A 230 11.11 16.18 25.55
N TRP A 231 10.06 15.93 24.78
CA TRP A 231 8.70 16.05 25.29
C TRP A 231 8.32 14.75 26.01
N ASP A 232 7.49 14.84 27.05
CA ASP A 232 6.93 13.63 27.68
C ASP A 232 5.42 13.80 27.77
N TYR A 233 4.70 13.32 26.75
CA TYR A 233 3.26 13.60 26.70
C TYR A 233 2.48 12.99 27.86
N ALA A 234 2.96 11.89 28.43
CA ALA A 234 2.30 11.27 29.62
C ALA A 234 2.49 12.03 30.96
N ALA A 235 3.38 13.03 30.96
CA ALA A 235 3.74 13.83 32.15
C ALA A 235 2.82 15.03 32.49
N GLY A 236 1.63 15.06 31.87
CA GLY A 236 0.61 16.09 32.10
C GLY A 236 1.17 17.51 32.13
N ALA A 237 1.07 18.16 33.29
CA ALA A 237 1.41 19.57 33.41
C ALA A 237 2.90 19.90 33.23
N ARG A 238 3.75 18.89 33.29
CA ARG A 238 5.18 19.08 33.09
C ARG A 238 5.64 18.40 31.77
N ALA A 239 4.53 18.00 30.53
CA ALA A 239 4.87 17.31 29.30
C ALA A 239 6.02 18.03 28.61
N GLY A 240 5.93 19.37 28.52
CA GLY A 240 6.86 20.15 27.70
C GLY A 240 7.98 20.85 28.43
N ALA A 241 8.10 20.59 29.74
CA ALA A 241 9.05 21.38 30.54
C ALA A 241 10.50 21.24 30.11
N LYS A 242 10.93 20.05 29.70
CA LYS A 242 12.32 19.78 29.38
C LYS A 242 12.60 19.86 27.87
N ALA A 243 11.62 20.36 27.11
CA ALA A 243 11.72 20.43 25.66
C ALA A 243 12.98 21.20 25.21
N LEU A 244 13.64 20.66 24.16
CA LEU A 244 14.79 21.32 23.54
C LEU A 244 14.38 22.61 22.78
N THR A 245 15.32 23.55 22.62
CA THR A 245 15.16 24.60 21.63
C THR A 245 15.35 24.00 20.21
N CYS A 246 14.92 24.69 19.15
CA CYS A 246 15.30 24.23 17.79
C CYS A 246 16.83 24.18 17.58
N LYS A 247 17.55 25.16 18.16
CA LYS A 247 19.05 25.16 18.10
C LYS A 247 19.65 23.88 18.69
N ALA A 248 19.16 23.48 19.87
CA ALA A 248 19.71 22.30 20.57
C ALA A 248 19.33 20.97 19.85
N TYR A 249 18.10 20.91 19.35
CA TYR A 249 17.64 19.77 18.53
C TYR A 249 18.54 19.59 17.26
N ALA A 250 18.76 20.68 16.52
CA ALA A 250 19.66 20.62 15.36
C ALA A 250 21.12 20.22 15.71
N ASP A 251 21.66 20.79 16.78
CA ASP A 251 23.01 20.43 17.21
C ASP A 251 23.12 18.95 17.59
N ALA A 252 22.18 18.46 18.41
CA ALA A 252 22.19 17.04 18.79
C ALA A 252 22.12 16.12 17.55
N ALA A 253 21.25 16.47 16.60
CA ALA A 253 21.03 15.69 15.38
C ALA A 253 22.28 15.66 14.53
N GLU A 254 22.93 16.82 14.40
CA GLU A 254 24.17 16.87 13.66
C GLU A 254 25.28 16.05 14.32
N GLN A 255 25.46 16.17 15.64
CA GLN A 255 26.41 15.32 16.36
C GLN A 255 26.15 13.81 16.18
N LYS A 256 24.88 13.39 16.27
CA LYS A 256 24.53 11.99 15.98
C LYS A 256 24.90 11.57 14.55
N PHE A 257 24.57 12.43 13.59
CA PHE A 257 24.84 12.21 12.17
C PHE A 257 26.33 12.05 11.88
N ASP A 258 27.16 12.92 12.47
CA ASP A 258 28.62 12.82 12.30
C ASP A 258 29.16 11.49 12.84
N GLY A 259 28.59 11.02 13.96
CA GLY A 259 29.00 9.73 14.55
C GLY A 259 28.62 8.59 13.64
N GLN A 260 27.41 8.64 13.10
CA GLN A 260 26.92 7.63 12.15
C GLN A 260 27.79 7.56 10.85
N LEU A 261 28.19 8.74 10.33
CA LEU A 261 29.08 8.79 9.16
C LEU A 261 30.41 8.10 9.45
N ALA A 262 30.96 8.37 10.62
CA ALA A 262 32.22 7.73 11.05
C ALA A 262 32.07 6.20 11.23
N LYS A 263 30.95 5.76 11.81
CA LYS A 263 30.70 4.33 11.95
C LYS A 263 30.50 3.66 10.58
N GLU A 264 29.95 4.40 9.61
CA GLU A 264 29.74 3.86 8.27
C GLU A 264 31.06 3.65 7.53
N THR A 265 31.96 4.61 7.67
CA THR A 265 33.29 4.56 7.05
C THR A 265 34.04 3.38 7.69
N ALA A 266 33.91 3.23 9.01
CA ALA A 266 34.51 2.08 9.72
C ALA A 266 33.91 0.69 9.35
N GLY A 267 32.68 0.69 8.82
CA GLY A 267 31.97 -0.57 8.50
C GLY A 267 32.00 -0.91 7.02
N GLU B 2 -3.63 -0.94 31.42
CA GLU B 2 -4.06 -0.14 30.20
C GLU B 2 -3.61 -0.72 28.86
N VAL B 3 -4.59 -0.82 27.96
CA VAL B 3 -4.49 -1.54 26.69
C VAL B 3 -4.11 -0.58 25.55
N PRO B 4 -2.98 -0.83 24.87
CA PRO B 4 -2.69 -0.09 23.63
C PRO B 4 -3.55 -0.56 22.45
N LEU B 5 -3.62 0.26 21.41
CA LEU B 5 -4.14 -0.19 20.12
C LEU B 5 -3.34 -1.42 19.62
N PRO B 6 -4.01 -2.34 18.88
CA PRO B 6 -3.31 -3.56 18.49
C PRO B 6 -2.20 -3.26 17.47
N GLN B 7 -1.17 -4.11 17.43
CA GLN B 7 -0.17 -4.13 16.34
C GLN B 7 -0.80 -4.45 14.99
N LEU B 8 -0.21 -3.95 13.91
CA LEU B 8 -0.68 -4.35 12.59
C LEU B 8 -0.41 -5.87 12.43
N ARG B 9 -1.33 -6.59 11.77
CA ARG B 9 -1.16 -8.04 11.51
C ARG B 9 -0.95 -8.33 10.04
N ALA B 10 0.15 -8.99 9.71
CA ALA B 10 0.36 -9.36 8.30
C ALA B 10 -0.55 -10.53 7.95
N TYR B 11 -1.03 -10.58 6.71
CA TYR B 11 -1.85 -11.72 6.27
C TYR B 11 -0.86 -12.87 5.97
N THR B 12 -1.08 -13.97 6.69
CA THR B 12 -0.27 -15.17 6.54
C THR B 12 -1.06 -16.25 5.74
N VAL B 13 -0.34 -17.14 5.04
CA VAL B 13 -0.94 -18.13 4.12
C VAL B 13 -0.28 -19.50 4.32
N ASP B 14 -0.92 -20.58 3.90
CA ASP B 14 -0.37 -21.93 4.03
C ASP B 14 1.00 -21.98 3.41
N ALA B 15 1.89 -22.78 3.98
CA ALA B 15 3.26 -22.96 3.44
C ALA B 15 3.31 -23.27 1.93
N SER B 16 2.39 -24.13 1.45
CA SER B 16 2.34 -24.51 0.03
C SER B 16 2.13 -23.33 -0.94
N TRP B 17 1.41 -22.30 -0.50
CA TRP B 17 1.20 -21.08 -1.32
C TRP B 17 2.51 -20.31 -1.59
N LEU B 18 3.51 -20.53 -0.72
CA LEU B 18 4.83 -19.87 -0.80
C LEU B 18 5.98 -20.81 -1.13
N GLN B 19 5.66 -22.01 -1.62
CA GLN B 19 6.66 -23.05 -1.92
C GLN B 19 7.12 -23.01 -3.39
N PRO B 20 8.37 -22.56 -3.64
CA PRO B 20 8.83 -22.46 -5.03
C PRO B 20 8.77 -23.80 -5.76
N MET B 21 8.51 -23.74 -7.06
CA MET B 21 8.55 -24.91 -7.94
C MET B 21 9.28 -24.50 -9.20
N ALA B 22 9.88 -25.48 -9.87
CA ALA B 22 10.45 -25.29 -11.19
C ALA B 22 9.35 -25.07 -12.25
N PRO B 23 9.69 -24.44 -13.37
CA PRO B 23 8.66 -24.30 -14.39
C PRO B 23 7.99 -25.63 -14.84
N LEU B 24 6.66 -25.64 -14.86
CA LEU B 24 5.85 -26.76 -15.35
C LEU B 24 5.15 -26.44 -16.67
N GLN B 25 5.44 -27.20 -17.74
CA GLN B 25 4.89 -26.90 -19.06
C GLN B 25 3.38 -27.31 -19.19
N ILE B 26 2.57 -26.41 -19.78
CA ILE B 26 1.13 -26.62 -19.98
C ILE B 26 0.82 -26.82 -21.45
N ALA B 27 1.43 -26.02 -22.31
CA ALA B 27 1.33 -26.20 -23.75
C ALA B 27 2.66 -25.76 -24.40
N ASP B 28 2.74 -25.70 -25.73
CA ASP B 28 4.02 -25.41 -26.38
C ASP B 28 4.68 -24.09 -25.90
N HIS B 29 3.89 -23.04 -25.69
CA HIS B 29 4.42 -21.71 -25.26
C HIS B 29 4.03 -21.28 -23.85
N THR B 30 3.33 -22.14 -23.11
CA THR B 30 2.72 -21.78 -21.83
C THR B 30 3.23 -22.60 -20.66
N TRP B 31 3.72 -21.89 -19.62
CA TRP B 31 4.28 -22.52 -18.40
C TRP B 31 3.73 -21.98 -17.09
N GLN B 32 3.48 -22.87 -16.12
CA GLN B 32 3.25 -22.45 -14.72
C GLN B 32 4.62 -22.16 -14.09
N ILE B 33 4.80 -20.93 -13.58
CA ILE B 33 6.11 -20.48 -13.03
C ILE B 33 6.04 -19.96 -11.58
N GLY B 34 4.87 -20.10 -10.97
CA GLY B 34 4.69 -19.64 -9.59
C GLY B 34 5.11 -20.62 -8.51
N THR B 35 4.27 -20.73 -7.48
CA THR B 35 4.55 -21.66 -6.39
C THR B 35 3.67 -22.89 -6.56
N GLU B 36 3.75 -24.04 -5.35
CA GLU B 36 2.87 -25.18 -5.60
C GLU B 36 1.39 -24.79 -5.55
N ASP B 37 1.05 -23.75 -4.80
CA ASP B 37 -0.37 -23.41 -4.59
C ASP B 37 -0.83 -22.03 -5.04
N LEU B 38 -0.02 -21.34 -5.85
CA LEU B 38 -0.48 -20.10 -6.54
C LEU B 38 0.01 -20.04 -8.00
N THR B 39 -0.93 -19.78 -8.90
CA THR B 39 -0.70 -19.72 -10.35
C THR B 39 0.00 -18.41 -10.73
N ALA B 40 1.01 -18.54 -11.59
CA ALA B 40 1.61 -17.42 -12.36
C ALA B 40 2.03 -18.01 -13.68
N LEU B 41 1.35 -17.60 -14.75
CA LEU B 41 1.52 -18.19 -16.08
C LEU B 41 2.41 -17.34 -16.99
N LEU B 42 3.45 -17.99 -17.57
CA LEU B 42 4.32 -17.37 -18.56
C LEU B 42 4.01 -17.88 -19.97
N VAL B 43 3.75 -16.95 -20.88
CA VAL B 43 3.52 -17.29 -22.28
C VAL B 43 4.65 -16.65 -23.10
N GLN B 44 5.50 -17.51 -23.67
CA GLN B 44 6.68 -17.08 -24.43
C GLN B 44 6.40 -17.00 -25.91
N THR B 45 6.40 -15.80 -26.49
CA THR B 45 6.13 -15.59 -27.93
C THR B 45 7.44 -15.27 -28.71
N PRO B 46 7.42 -15.30 -30.08
CA PRO B 46 8.65 -14.90 -30.83
C PRO B 46 9.05 -13.44 -30.58
N ASP B 47 8.12 -12.69 -29.95
CA ASP B 47 8.28 -11.27 -29.66
C ASP B 47 8.19 -10.84 -28.19
N GLY B 48 8.79 -11.59 -27.27
CA GLY B 48 8.68 -11.23 -25.86
C GLY B 48 7.63 -12.06 -25.14
N ALA B 49 7.65 -11.96 -23.81
CA ALA B 49 6.82 -12.77 -22.95
C ALA B 49 5.64 -11.97 -22.29
N VAL B 50 4.59 -12.72 -21.96
CA VAL B 50 3.44 -12.28 -21.16
C VAL B 50 3.42 -13.06 -19.85
N LEU B 51 3.20 -12.34 -18.75
CA LEU B 51 2.89 -12.96 -17.47
C LEU B 51 1.43 -12.72 -17.12
N LEU B 52 0.73 -13.80 -16.76
CA LEU B 52 -0.63 -13.65 -16.24
C LEU B 52 -0.59 -14.03 -14.78
N ASP B 53 -0.77 -13.02 -13.89
CA ASP B 53 -0.63 -13.09 -12.40
C ASP B 53 0.83 -13.30 -11.86
N GLY B 54 1.09 -12.86 -10.63
CA GLY B 54 2.38 -13.09 -9.97
C GLY B 54 2.32 -13.70 -8.58
N GLY B 55 1.13 -13.94 -8.05
CA GLY B 55 1.02 -14.51 -6.70
C GLY B 55 1.15 -13.46 -5.60
N MET B 56 1.79 -13.86 -4.52
CA MET B 56 1.92 -13.04 -3.32
C MET B 56 3.07 -12.03 -3.45
N PRO B 57 3.11 -10.67 -2.49
CA PRO B 57 4.21 -9.69 -2.72
C PRO B 57 5.65 -10.27 -2.79
N GLN B 58 5.93 -11.34 -2.01
CA GLN B 58 7.29 -11.85 -1.82
C GLN B 58 7.82 -12.79 -2.94
N MET B 59 7.00 -13.06 -3.94
CA MET B 59 7.38 -13.96 -5.04
C MET B 59 8.13 -13.33 -6.21
N ALA B 60 8.40 -12.02 -6.19
CA ALA B 60 8.99 -11.37 -7.39
C ALA B 60 10.31 -11.99 -7.88
N SER B 61 11.26 -12.22 -6.97
CA SER B 61 12.59 -12.77 -7.36
C SER B 61 12.52 -14.21 -7.86
N HIS B 62 11.65 -15.01 -7.25
CA HIS B 62 11.42 -16.37 -7.70
C HIS B 62 10.90 -16.42 -9.13
N LEU B 63 9.90 -15.58 -9.42
CA LEU B 63 9.35 -15.45 -10.76
C LEU B 63 10.45 -15.10 -11.76
N LEU B 64 11.30 -14.14 -11.39
CA LEU B 64 12.41 -13.68 -12.25
C LEU B 64 13.44 -14.80 -12.48
N ASP B 65 13.70 -15.60 -11.44
CA ASP B 65 14.59 -16.79 -11.55
C ASP B 65 14.01 -17.84 -12.51
N ASN B 66 12.70 -18.13 -12.37
CA ASN B 66 12.01 -19.07 -13.30
C ASN B 66 11.97 -18.54 -14.72
N MET B 67 11.72 -17.24 -14.89
CA MET B 67 11.84 -16.66 -16.24
C MET B 67 13.26 -16.88 -16.82
N LYS B 68 14.29 -16.58 -16.03
CA LYS B 68 15.69 -16.79 -16.46
C LYS B 68 15.89 -18.25 -16.89
N ALA B 69 15.40 -19.18 -16.09
CA ALA B 69 15.45 -20.62 -16.43
C ALA B 69 14.84 -20.96 -17.81
N ARG B 70 13.87 -20.15 -18.25
CA ARG B 70 13.14 -20.37 -19.50
C ARG B 70 13.76 -19.59 -20.63
N GLY B 71 14.82 -18.85 -20.33
CA GLY B 71 15.45 -17.97 -21.32
C GLY B 71 14.80 -16.61 -21.57
N VAL B 72 14.02 -16.12 -20.59
CA VAL B 72 13.37 -14.79 -20.64
C VAL B 72 14.11 -13.93 -19.65
N THR B 73 14.81 -12.91 -20.16
CA THR B 73 15.49 -11.91 -19.33
C THR B 73 14.47 -10.81 -18.93
N PRO B 74 14.77 -9.99 -17.90
CA PRO B 74 13.87 -8.81 -17.65
C PRO B 74 13.48 -7.92 -18.85
N ARG B 75 14.40 -7.59 -19.74
CA ARG B 75 14.01 -6.81 -20.92
C ARG B 75 12.92 -7.55 -21.71
N ASP B 76 12.88 -8.89 -21.61
CA ASP B 76 12.06 -9.74 -22.48
C ASP B 76 10.58 -9.77 -22.04
N LEU B 77 10.32 -9.43 -20.77
CA LEU B 77 8.95 -9.42 -20.27
C LEU B 77 8.24 -8.15 -20.77
N ARG B 78 7.19 -8.31 -21.58
CA ARG B 78 6.53 -7.18 -22.21
C ARG B 78 5.21 -6.75 -21.57
N LEU B 79 4.47 -7.71 -21.02
CA LEU B 79 3.08 -7.48 -20.62
C LEU B 79 2.73 -8.34 -19.41
N ILE B 80 2.05 -7.70 -18.43
CA ILE B 80 1.44 -8.35 -17.28
C ILE B 80 -0.07 -8.18 -17.41
N LEU B 81 -0.77 -9.31 -17.34
CA LEU B 81 -2.26 -9.43 -17.25
C LEU B 81 -2.65 -9.99 -15.88
N LEU B 82 -3.86 -9.66 -15.40
CA LEU B 82 -4.28 -10.09 -14.07
C LEU B 82 -5.66 -10.75 -14.09
N SER B 83 -5.84 -11.80 -13.28
CA SER B 83 -7.17 -12.40 -12.97
C SER B 83 -8.00 -11.39 -12.12
N HIS B 84 -7.49 -11.06 -10.93
CA HIS B 84 -8.02 -9.94 -10.12
C HIS B 84 -6.94 -9.29 -9.26
N ALA B 85 -7.18 -8.04 -8.86
CA ALA B 85 -6.18 -7.26 -8.10
C ALA B 85 -6.17 -7.44 -6.55
N HIS B 86 -6.22 -8.69 -6.07
CA HIS B 86 -5.94 -8.99 -4.65
C HIS B 86 -4.46 -9.30 -4.38
N ALA B 87 -4.03 -9.17 -3.12
CA ALA B 87 -2.63 -9.38 -2.73
C ALA B 87 -2.01 -10.74 -3.16
N ASP B 88 -2.85 -11.76 -3.22
CA ASP B 88 -2.37 -13.12 -3.44
C ASP B 88 -2.22 -13.48 -4.93
N HIS B 89 -2.60 -12.54 -5.82
CA HIS B 89 -2.41 -12.70 -7.26
C HIS B 89 -1.64 -11.56 -7.95
N ALA B 90 -1.84 -10.33 -7.44
CA ALA B 90 -1.20 -9.15 -7.96
C ALA B 90 -0.08 -8.60 -7.05
N GLY B 91 0.23 -9.29 -5.93
CA GLY B 91 1.15 -8.78 -4.91
C GLY B 91 2.50 -8.23 -5.41
N PRO B 92 3.22 -8.97 -6.29
CA PRO B 92 4.53 -8.48 -6.78
C PRO B 92 4.53 -7.59 -8.03
N VAL B 93 3.37 -7.13 -8.51
CA VAL B 93 3.30 -6.39 -9.77
C VAL B 93 4.12 -5.08 -9.81
N ALA B 94 3.99 -4.24 -8.77
CA ALA B 94 4.78 -3.00 -8.68
C ALA B 94 6.30 -3.28 -8.82
N GLU B 95 6.81 -4.28 -8.07
CA GLU B 95 8.23 -4.62 -8.14
C GLU B 95 8.64 -5.19 -9.50
N LEU B 96 7.78 -6.05 -10.05
CA LEU B 96 8.03 -6.60 -11.39
C LEU B 96 8.13 -5.48 -12.45
N LYS B 97 7.26 -4.45 -12.39
CA LYS B 97 7.36 -3.32 -13.32
C LYS B 97 8.69 -2.54 -13.15
N ARG B 98 9.13 -2.37 -11.92
CA ARG B 98 10.39 -1.66 -11.69
C ARG B 98 11.59 -2.43 -12.23
N ARG B 99 11.55 -3.77 -12.11
CA ARG B 99 12.69 -4.65 -12.41
C ARG B 99 12.76 -5.19 -13.87
N THR B 100 11.70 -5.02 -14.65
CA THR B 100 11.59 -5.54 -16.01
C THR B 100 11.06 -4.47 -16.98
N GLY B 101 11.06 -4.81 -18.27
CA GLY B 101 10.34 -3.97 -19.25
C GLY B 101 8.79 -3.87 -19.22
N ALA B 102 8.13 -4.54 -18.29
CA ALA B 102 6.74 -4.93 -18.46
C ALA B 102 5.71 -3.78 -18.22
N LYS B 103 4.74 -3.69 -19.11
CA LYS B 103 3.57 -2.81 -18.93
C LYS B 103 2.36 -3.65 -18.54
N VAL B 104 1.42 -3.03 -17.83
CA VAL B 104 0.23 -3.73 -17.29
C VAL B 104 -1.00 -3.30 -18.13
N ALA B 105 -1.83 -4.29 -18.50
CA ALA B 105 -3.14 -4.09 -19.09
C ALA B 105 -4.23 -4.67 -18.19
N ALA B 106 -5.26 -3.86 -17.91
CA ALA B 106 -6.35 -4.26 -17.00
C ALA B 106 -7.62 -3.48 -17.28
N ASN B 107 -8.74 -4.00 -16.82
CA ASN B 107 -9.99 -3.21 -16.89
C ASN B 107 -10.02 -2.09 -15.82
N ALA B 108 -10.96 -1.14 -15.97
CA ALA B 108 -10.98 0.03 -15.08
C ALA B 108 -11.13 -0.34 -13.59
N GLU B 109 -11.99 -1.30 -13.30
CA GLU B 109 -12.15 -1.72 -11.89
C GLU B 109 -10.84 -2.28 -11.31
N SER B 110 -10.18 -3.15 -12.08
CA SER B 110 -8.94 -3.77 -11.60
C SER B 110 -7.85 -2.72 -11.48
N ALA B 111 -7.77 -1.81 -12.45
CA ALA B 111 -6.83 -0.70 -12.45
C ALA B 111 -6.98 0.24 -11.19
N VAL B 112 -8.21 0.54 -10.76
CA VAL B 112 -8.46 1.39 -9.63
C VAL B 112 -8.04 0.70 -8.32
N LEU B 113 -8.36 -0.58 -8.22
CA LEU B 113 -8.00 -1.39 -7.02
C LEU B 113 -6.47 -1.59 -6.88
N LEU B 114 -5.82 -1.87 -8.00
CA LEU B 114 -4.40 -2.03 -8.08
C LEU B 114 -3.68 -0.71 -7.67
N ALA B 115 -4.24 0.43 -8.08
CA ALA B 115 -3.65 1.78 -7.84
C ALA B 115 -3.72 2.18 -6.37
N ARG B 116 -4.67 1.59 -5.63
CA ARG B 116 -4.67 1.74 -4.19
C ARG B 116 -4.11 0.56 -3.40
N GLY B 117 -3.35 -0.32 -4.08
CA GLY B 117 -2.68 -1.48 -3.42
C GLY B 117 -3.63 -2.36 -2.60
N GLY B 118 -4.85 -2.52 -3.13
CA GLY B 118 -5.83 -3.37 -2.48
C GLY B 118 -6.49 -2.79 -1.26
N SER B 119 -6.18 -1.52 -0.94
CA SER B 119 -6.78 -0.87 0.23
C SER B 119 -8.24 -0.55 -0.03
N ASP B 120 -8.98 -0.28 1.05
CA ASP B 120 -10.43 0.06 1.01
C ASP B 120 -11.19 -0.98 0.14
N ASP B 121 -10.91 -2.27 0.41
CA ASP B 121 -11.50 -3.38 -0.34
C ASP B 121 -13.00 -3.46 0.04
N LEU B 122 -13.87 -3.82 -0.91
CA LEU B 122 -15.31 -3.83 -0.59
C LEU B 122 -15.65 -4.76 0.58
N HIS B 123 -14.87 -5.81 0.82
CA HIS B 123 -15.20 -6.81 1.85
C HIS B 123 -14.14 -6.95 2.95
N PHE B 124 -12.87 -6.79 2.56
CA PHE B 124 -11.72 -6.99 3.45
C PHE B 124 -11.21 -5.68 4.11
N GLY B 125 -11.79 -4.54 3.72
CA GLY B 125 -11.32 -3.26 4.21
C GLY B 125 -9.85 -3.01 3.93
N ASP B 126 -8.74 -2.76 5.02
CA ASP B 126 -7.34 -2.47 4.72
C ASP B 126 -6.61 -3.68 5.22
N GLY B 127 -7.34 -4.81 5.24
CA GLY B 127 -6.83 -6.07 5.77
C GLY B 127 -5.79 -6.80 4.93
N ILE B 128 -5.77 -6.53 3.62
CA ILE B 128 -4.92 -7.22 2.64
C ILE B 128 -4.34 -6.22 1.65
N THR B 129 -3.52 -5.28 2.13
CA THR B 129 -2.86 -4.31 1.25
C THR B 129 -1.53 -4.81 0.71
N TYR B 130 -1.10 -4.26 -0.43
CA TYR B 130 0.16 -4.64 -1.04
C TYR B 130 0.63 -3.40 -1.81
N PRO B 131 1.89 -3.40 -2.29
CA PRO B 131 2.39 -2.22 -3.04
C PRO B 131 1.54 -1.81 -4.23
N PRO B 132 1.11 -0.53 -4.30
CA PRO B 132 0.30 -0.15 -5.46
C PRO B 132 1.12 -0.03 -6.75
N ALA B 133 0.20 -0.36 -7.91
CA ALA B 133 0.83 -0.25 -9.24
C ALA B 133 -0.13 0.47 -10.17
N ASN B 134 0.42 1.09 -11.22
CA ASN B 134 -0.38 1.78 -12.24
C ASN B 134 -0.57 0.93 -13.50
N ALA B 135 -1.76 0.99 -14.10
CA ALA B 135 -2.06 0.32 -15.38
C ALA B 135 -1.63 1.19 -16.57
N ASP B 136 -1.00 0.57 -17.57
CA ASP B 136 -0.58 1.28 -18.78
C ASP B 136 -1.61 1.31 -19.91
N ARG B 137 -2.52 0.33 -19.88
CA ARG B 137 -3.58 0.25 -20.87
C ARG B 137 -4.87 -0.23 -20.18
N ILE B 138 -5.99 0.41 -20.48
CA ILE B 138 -7.31 -0.05 -19.97
C ILE B 138 -8.06 -0.86 -21.03
N VAL B 139 -8.54 -2.05 -20.66
CA VAL B 139 -9.25 -2.93 -21.63
C VAL B 139 -10.74 -2.99 -21.36
N MET B 140 -11.51 -3.16 -22.44
CA MET B 140 -12.98 -3.36 -22.35
C MET B 140 -13.35 -4.83 -22.46
N ASP B 141 -14.58 -5.17 -22.06
CA ASP B 141 -15.04 -6.57 -22.17
C ASP B 141 -14.95 -7.08 -23.63
N GLY B 142 -14.32 -8.23 -23.83
CA GLY B 142 -14.16 -8.80 -25.17
C GLY B 142 -13.02 -8.23 -26.00
N GLU B 143 -12.28 -7.25 -25.46
CA GLU B 143 -11.18 -6.66 -26.17
C GLU B 143 -10.04 -7.66 -26.29
N VAL B 144 -9.30 -7.57 -27.38
CA VAL B 144 -8.12 -8.44 -27.59
C VAL B 144 -6.80 -7.65 -27.41
N ILE B 145 -5.76 -8.35 -26.96
CA ILE B 145 -4.36 -7.84 -26.97
C ILE B 145 -3.48 -8.87 -27.67
N THR B 146 -2.61 -8.41 -28.57
CA THR B 146 -1.75 -9.31 -29.36
C THR B 146 -0.25 -9.16 -29.04
N VAL B 147 0.43 -10.26 -28.68
CA VAL B 147 1.88 -10.22 -28.44
C VAL B 147 2.53 -11.33 -29.28
N GLY B 148 3.48 -10.96 -30.16
CA GLY B 148 4.18 -11.99 -30.95
C GLY B 148 3.24 -12.90 -31.71
N GLY B 149 2.14 -12.35 -32.17
CA GLY B 149 1.12 -13.10 -32.88
C GLY B 149 0.16 -13.90 -32.04
N ILE B 150 0.41 -13.99 -30.72
CA ILE B 150 -0.52 -14.68 -29.83
C ILE B 150 -1.61 -13.68 -29.36
N VAL B 151 -2.88 -14.05 -29.59
CA VAL B 151 -4.03 -13.21 -29.25
C VAL B 151 -4.69 -13.59 -27.89
N PHE B 152 -4.77 -12.61 -27.00
CA PHE B 152 -5.40 -12.79 -25.69
C PHE B 152 -6.77 -12.03 -25.65
N THR B 153 -7.82 -12.72 -25.20
CA THR B 153 -9.15 -12.13 -25.12
C THR B 153 -9.60 -12.00 -23.66
N ALA B 154 -10.06 -10.79 -23.30
CA ALA B 154 -10.62 -10.53 -21.95
C ALA B 154 -12.11 -10.88 -21.89
N HIS B 155 -12.50 -11.64 -20.85
CA HIS B 155 -13.92 -11.92 -20.62
C HIS B 155 -14.25 -11.48 -19.20
N PHE B 156 -15.00 -10.39 -19.05
CA PHE B 156 -15.25 -9.90 -17.69
C PHE B 156 -16.14 -10.86 -16.96
N MET B 157 -15.97 -11.13 -15.54
CA MET B 157 -16.71 -12.06 -14.70
C MET B 157 -16.72 -11.53 -13.28
N ALA B 158 -17.30 -10.33 -13.20
CA ALA B 158 -17.46 -9.59 -11.98
C ALA B 158 -18.11 -10.43 -10.88
N GLY B 159 -17.57 -10.28 -9.69
CA GLY B 159 -18.20 -10.84 -8.51
C GLY B 159 -17.20 -10.95 -7.39
N HIS B 160 -16.23 -11.85 -7.57
CA HIS B 160 -15.19 -11.99 -6.55
C HIS B 160 -14.50 -10.63 -6.23
N THR B 161 -14.21 -9.87 -7.29
CA THR B 161 -13.96 -8.44 -7.24
C THR B 161 -14.79 -7.85 -8.38
N PRO B 162 -15.11 -6.53 -8.32
CA PRO B 162 -15.79 -5.95 -9.49
C PRO B 162 -15.08 -6.15 -10.83
N GLY B 163 -13.74 -6.13 -10.81
CA GLY B 163 -12.94 -6.16 -12.04
C GLY B 163 -12.43 -7.55 -12.41
N SER B 164 -12.88 -8.59 -11.70
CA SER B 164 -12.60 -10.01 -12.05
C SER B 164 -12.65 -10.34 -13.56
N THR B 165 -11.58 -10.96 -14.07
CA THR B 165 -11.40 -11.19 -15.54
C THR B 165 -10.95 -12.64 -15.81
N ALA B 166 -11.60 -13.32 -16.78
CA ALA B 166 -11.04 -14.52 -17.47
C ALA B 166 -10.28 -14.19 -18.75
N TRP B 167 -9.08 -14.76 -18.91
CA TRP B 167 -8.26 -14.53 -20.09
C TRP B 167 -8.16 -15.83 -20.90
N THR B 168 -8.40 -15.78 -22.21
CA THR B 168 -8.33 -16.95 -23.08
C THR B 168 -7.36 -16.72 -24.24
N TRP B 169 -6.67 -17.80 -24.66
CA TRP B 169 -5.79 -17.74 -25.81
C TRP B 169 -5.65 -19.15 -26.41
N THR B 170 -5.21 -19.25 -27.66
CA THR B 170 -5.03 -20.55 -28.30
C THR B 170 -3.53 -20.84 -28.55
N ASP B 171 -2.99 -21.83 -27.83
CA ASP B 171 -1.64 -22.39 -27.99
C ASP B 171 -1.71 -23.72 -28.81
N THR B 172 -0.63 -24.50 -28.83
CA THR B 172 -0.63 -25.82 -29.49
C THR B 172 0.00 -26.84 -28.58
N ARG B 173 -0.30 -28.10 -28.84
CA ARG B 173 0.29 -29.25 -28.12
C ARG B 173 0.06 -30.48 -29.00
N ASN B 174 1.16 -31.13 -29.39
CA ASN B 174 1.16 -32.28 -30.33
C ASN B 174 0.64 -31.97 -31.73
N GLY B 175 1.00 -30.81 -32.27
CA GLY B 175 0.48 -30.40 -33.57
C GLY B 175 -0.95 -29.85 -33.54
N LYS B 176 -1.67 -30.05 -32.42
CA LYS B 176 -3.08 -29.63 -32.29
C LYS B 176 -3.28 -28.31 -31.50
N PRO B 177 -4.24 -27.47 -31.93
CA PRO B 177 -4.58 -26.32 -31.08
C PRO B 177 -5.09 -26.70 -29.68
N VAL B 178 -4.74 -25.89 -28.67
CA VAL B 178 -5.25 -26.03 -27.30
C VAL B 178 -5.79 -24.66 -26.86
N ARG B 179 -7.12 -24.56 -26.77
CA ARG B 179 -7.80 -23.38 -26.25
C ARG B 179 -7.72 -23.33 -24.73
N ILE B 180 -6.81 -22.49 -24.23
CA ILE B 180 -6.62 -22.23 -22.78
C ILE B 180 -7.56 -21.14 -22.18
N ALA B 181 -8.23 -21.51 -21.08
CA ALA B 181 -9.05 -20.60 -20.29
C ALA B 181 -8.48 -20.41 -18.89
N TYR B 182 -7.89 -19.23 -18.65
CA TYR B 182 -7.49 -18.85 -17.29
C TYR B 182 -8.67 -18.12 -16.63
N ALA B 183 -9.55 -18.87 -15.96
CA ALA B 183 -10.75 -18.27 -15.34
C ALA B 183 -10.45 -17.78 -13.94
N ASP B 184 -10.95 -16.58 -13.60
CA ASP B 184 -10.79 -16.00 -12.25
C ASP B 184 -11.55 -16.80 -11.18
N SER B 185 -11.26 -16.49 -9.92
CA SER B 185 -11.97 -17.01 -8.75
C SER B 185 -13.49 -16.68 -8.79
N LEU B 186 -14.29 -17.69 -8.43
CA LEU B 186 -15.76 -17.56 -8.32
C LEU B 186 -16.17 -17.70 -6.86
N SER B 187 -15.25 -17.70 -5.70
CA SER B 187 -15.39 -17.73 -4.25
C SER B 187 -15.93 -16.39 -3.75
N ALA B 188 -16.48 -16.43 -2.54
CA ALA B 188 -16.93 -15.24 -1.84
C ALA B 188 -16.54 -15.40 -0.34
N PRO B 189 -15.21 -15.44 -0.04
CA PRO B 189 -14.65 -15.77 1.28
C PRO B 189 -15.02 -14.75 2.38
N GLY B 190 -15.99 -15.11 3.20
CA GLY B 190 -16.42 -14.21 4.29
C GLY B 190 -17.30 -13.05 3.88
N TYR B 191 -17.75 -13.02 2.62
CA TYR B 191 -18.51 -11.89 2.06
C TYR B 191 -19.95 -11.86 2.56
N GLN B 192 -20.49 -10.66 2.83
CA GLN B 192 -21.94 -10.48 2.92
C GLN B 192 -22.49 -10.41 1.51
N LEU B 193 -23.39 -11.34 1.18
CA LEU B 193 -23.91 -11.47 -0.18
C LEU B 193 -25.14 -10.62 -0.46
N GLN B 194 -26.12 -10.64 0.44
CA GLN B 194 -27.41 -9.94 0.21
C GLN B 194 -27.41 -8.59 0.88
N GLY B 195 -27.97 -7.58 0.21
CA GLY B 195 -28.12 -6.23 0.78
C GLY B 195 -26.80 -5.60 1.24
N ASN B 196 -25.70 -5.88 0.54
CA ASN B 196 -24.42 -5.28 0.82
C ASN B 196 -24.40 -3.84 0.24
N PRO B 197 -24.32 -2.81 1.10
CA PRO B 197 -24.41 -1.41 0.61
C PRO B 197 -23.23 -0.99 -0.33
N ARG B 198 -22.08 -1.66 -0.18
CA ARG B 198 -20.88 -1.43 -1.02
C ARG B 198 -20.97 -2.18 -2.36
N TYR B 199 -21.84 -3.19 -2.42
CA TYR B 199 -22.01 -4.03 -3.62
C TYR B 199 -23.49 -4.47 -3.81
N PRO B 200 -24.39 -3.49 -4.09
CA PRO B 200 -25.82 -3.85 -4.14
C PRO B 200 -26.24 -4.94 -5.15
N HIS B 201 -25.60 -5.02 -6.34
CA HIS B 201 -26.01 -6.03 -7.31
C HIS B 201 -25.04 -7.24 -7.31
N LEU B 202 -24.41 -7.51 -6.16
CA LEU B 202 -23.43 -8.60 -6.06
C LEU B 202 -23.97 -9.94 -6.59
N ILE B 203 -25.13 -10.37 -6.07
CA ILE B 203 -25.76 -11.64 -6.46
C ILE B 203 -25.99 -11.76 -7.96
N GLU B 204 -26.58 -10.74 -8.58
CA GLU B 204 -26.83 -10.71 -10.02
C GLU B 204 -25.53 -10.79 -10.87
N ASP B 205 -24.46 -10.15 -10.39
CA ASP B 205 -23.15 -10.20 -11.07
C ASP B 205 -22.55 -11.64 -11.05
N TYR B 206 -22.56 -12.27 -9.88
CA TYR B 206 -22.11 -13.65 -9.76
C TYR B 206 -22.85 -14.63 -10.69
N ARG B 207 -24.18 -14.56 -10.71
CA ARG B 207 -24.99 -15.40 -11.61
C ARG B 207 -24.60 -15.21 -13.07
N ARG B 208 -24.42 -13.96 -13.47
CA ARG B 208 -23.98 -13.69 -14.83
C ARG B 208 -22.61 -14.33 -15.11
N SER B 209 -21.72 -14.27 -14.10
CA SER B 209 -20.33 -14.77 -14.17
C SER B 209 -20.27 -16.31 -14.25
N PHE B 210 -21.15 -17.00 -13.53
CA PHE B 210 -21.27 -18.46 -13.71
C PHE B 210 -21.54 -18.79 -15.19
N ALA B 211 -22.45 -18.06 -15.82
CA ALA B 211 -22.82 -18.32 -17.19
C ALA B 211 -21.68 -17.99 -18.19
N THR B 212 -20.93 -16.93 -17.89
CA THR B 212 -19.80 -16.56 -18.70
C THR B 212 -18.74 -17.67 -18.67
N VAL B 213 -18.47 -18.16 -17.46
CA VAL B 213 -17.40 -19.14 -17.27
C VAL B 213 -17.76 -20.45 -18.01
N ARG B 214 -19.02 -20.87 -17.84
CA ARG B 214 -19.58 -22.10 -18.44
C ARG B 214 -19.40 -22.08 -19.97
N ALA B 215 -19.52 -20.90 -20.54
CA ALA B 215 -19.46 -20.73 -21.99
C ALA B 215 -18.07 -20.45 -22.62
N LEU B 216 -16.99 -20.38 -21.83
CA LEU B 216 -15.68 -19.99 -22.40
C LEU B 216 -15.15 -21.03 -23.42
N PRO B 217 -14.36 -20.59 -24.43
CA PRO B 217 -13.62 -21.64 -25.18
C PRO B 217 -12.60 -22.26 -24.22
N CYS B 218 -12.58 -23.59 -24.07
CA CYS B 218 -11.97 -24.19 -22.88
C CYS B 218 -11.55 -25.65 -23.05
N ASP B 219 -10.54 -25.91 -23.87
CA ASP B 219 -9.96 -27.25 -23.90
C ASP B 219 -9.27 -27.54 -22.55
N VAL B 220 -8.63 -26.52 -21.97
CA VAL B 220 -7.94 -26.66 -20.66
C VAL B 220 -8.27 -25.44 -19.78
N LEU B 221 -8.73 -25.71 -18.58
CA LEU B 221 -9.02 -24.68 -17.59
C LEU B 221 -7.86 -24.56 -16.57
N LEU B 222 -7.45 -23.33 -16.25
CA LEU B 222 -6.60 -23.08 -15.07
C LEU B 222 -7.23 -21.97 -14.24
N THR B 223 -6.89 -21.90 -12.94
CA THR B 223 -7.46 -20.91 -12.02
C THR B 223 -6.35 -20.39 -11.07
N PRO B 224 -6.52 -19.16 -10.53
CA PRO B 224 -5.52 -18.55 -9.62
C PRO B 224 -5.13 -19.42 -8.40
N HIS B 225 -6.12 -20.04 -7.77
CA HIS B 225 -5.92 -21.07 -6.74
C HIS B 225 -6.09 -22.38 -7.51
N PRO B 226 -4.98 -23.11 -7.77
CA PRO B 226 -5.17 -24.27 -8.67
C PRO B 226 -6.12 -25.38 -8.15
N GLY B 227 -6.24 -25.51 -6.83
CA GLY B 227 -7.17 -26.46 -6.20
C GLY B 227 -8.60 -26.31 -6.70
N ALA B 228 -9.02 -25.05 -6.91
CA ALA B 228 -10.33 -24.74 -7.44
C ALA B 228 -10.68 -25.40 -8.80
N SER B 229 -9.68 -25.67 -9.64
CA SER B 229 -9.91 -26.39 -10.92
C SER B 229 -9.32 -27.82 -10.92
N ASN B 230 -9.01 -28.31 -9.72
CA ASN B 230 -8.45 -29.65 -9.48
C ASN B 230 -7.04 -29.89 -10.01
N TRP B 231 -6.26 -28.83 -10.19
CA TRP B 231 -4.87 -28.93 -10.58
C TRP B 231 -4.01 -29.29 -9.37
N ASP B 232 -2.96 -30.07 -9.61
CA ASP B 232 -1.96 -30.39 -8.58
C ASP B 232 -0.56 -30.15 -9.14
N TYR B 233 -0.10 -28.91 -9.05
CA TYR B 233 1.17 -28.52 -9.66
C TYR B 233 2.39 -29.39 -9.20
N ALA B 234 2.33 -29.89 -7.97
CA ALA B 234 3.40 -30.71 -7.39
C ALA B 234 3.44 -32.17 -7.90
N ALA B 235 2.38 -32.61 -8.60
CA ALA B 235 2.24 -33.99 -9.14
C ALA B 235 2.91 -34.22 -10.51
N GLY B 236 3.80 -33.30 -10.90
CA GLY B 236 4.54 -33.37 -12.18
C GLY B 236 3.75 -33.77 -13.42
N ALA B 237 4.01 -34.99 -13.91
CA ALA B 237 3.34 -35.53 -15.13
C ALA B 237 1.81 -35.66 -15.09
N ARG B 238 1.25 -35.91 -13.91
CA ARG B 238 -0.20 -36.03 -13.72
C ARG B 238 -0.76 -34.86 -12.90
N ALA B 239 0.16 -33.25 -13.29
CA ALA B 239 -0.35 -32.04 -12.61
C ALA B 239 -1.81 -31.83 -12.98
N GLY B 240 -2.12 -31.95 -14.27
CA GLY B 240 -3.42 -31.55 -14.80
C GLY B 240 -4.38 -32.65 -15.18
N ALA B 241 -4.06 -33.90 -14.79
CA ALA B 241 -4.90 -35.07 -15.13
C ALA B 241 -6.38 -34.88 -14.74
N LYS B 242 -6.62 -34.39 -13.52
CA LYS B 242 -7.95 -34.35 -12.86
C LYS B 242 -8.66 -33.01 -12.99
N ALA B 243 -8.04 -32.12 -13.76
CA ALA B 243 -8.57 -30.79 -13.99
C ALA B 243 -10.05 -30.82 -14.43
N LEU B 244 -10.85 -29.96 -13.78
CA LEU B 244 -12.22 -29.71 -14.19
C LEU B 244 -12.34 -29.06 -15.58
N THR B 245 -13.49 -29.29 -16.24
CA THR B 245 -13.91 -28.45 -17.37
C THR B 245 -14.39 -27.07 -16.83
N CYS B 246 -14.39 -26.06 -17.68
CA CYS B 246 -15.05 -24.77 -17.34
C CYS B 246 -16.53 -24.97 -16.88
N LYS B 247 -17.30 -25.80 -17.61
CA LYS B 247 -18.69 -26.18 -17.21
C LYS B 247 -18.78 -26.68 -15.78
N ALA B 248 -17.88 -27.59 -15.41
CA ALA B 248 -17.94 -28.19 -14.10
C ALA B 248 -17.44 -27.22 -13.01
N TYR B 249 -16.40 -26.46 -13.32
CA TYR B 249 -15.91 -25.41 -12.41
C TYR B 249 -17.06 -24.41 -12.06
N ALA B 250 -17.75 -23.91 -13.08
CA ALA B 250 -18.88 -22.98 -12.92
C ALA B 250 -20.04 -23.60 -12.11
N ASP B 251 -20.38 -24.84 -12.41
CA ASP B 251 -21.40 -25.57 -11.66
C ASP B 251 -21.08 -25.76 -10.17
N ALA B 252 -19.86 -26.23 -9.84
CA ALA B 252 -19.44 -26.40 -8.43
C ALA B 252 -19.45 -25.04 -7.68
N ALA B 253 -19.03 -23.99 -8.37
CA ALA B 253 -18.99 -22.66 -7.76
C ALA B 253 -20.42 -22.10 -7.49
N GLU B 254 -21.33 -22.33 -8.44
CA GLU B 254 -22.76 -21.99 -8.24
C GLU B 254 -23.39 -22.73 -7.05
N GLN B 255 -23.15 -24.04 -6.95
CA GLN B 255 -23.71 -24.83 -5.86
C GLN B 255 -23.19 -24.35 -4.51
N LYS B 256 -21.89 -24.07 -4.44
CA LYS B 256 -21.29 -23.60 -3.19
C LYS B 256 -21.86 -22.22 -2.80
N PHE B 257 -21.99 -21.32 -3.79
CA PHE B 257 -22.56 -19.99 -3.63
C PHE B 257 -24.01 -20.05 -3.10
N ASP B 258 -24.86 -20.85 -3.76
CA ASP B 258 -26.24 -21.11 -3.31
C ASP B 258 -26.33 -21.60 -1.84
N GLY B 259 -25.43 -22.49 -1.43
CA GLY B 259 -25.32 -22.90 -0.04
C GLY B 259 -24.92 -21.78 0.92
N GLN B 260 -23.95 -20.96 0.49
CA GLN B 260 -23.53 -19.82 1.28
C GLN B 260 -24.70 -18.83 1.51
N LEU B 261 -25.44 -18.51 0.44
CA LEU B 261 -26.64 -17.66 0.46
C LEU B 261 -27.73 -18.19 1.43
N ALA B 262 -27.97 -19.51 1.39
CA ALA B 262 -28.90 -20.15 2.33
C ALA B 262 -28.43 -20.03 3.81
N LYS B 263 -27.15 -20.29 4.07
CA LYS B 263 -26.57 -20.13 5.42
C LYS B 263 -26.66 -18.68 5.89
N GLU B 264 -26.44 -17.74 4.96
CA GLU B 264 -26.49 -16.32 5.31
C GLU B 264 -27.90 -15.92 5.76
N THR B 265 -28.91 -16.32 4.96
CA THR B 265 -30.32 -16.15 5.29
C THR B 265 -30.66 -16.78 6.67
N ALA B 266 -30.11 -17.95 6.93
CA ALA B 266 -30.36 -18.62 8.20
C ALA B 266 -29.63 -17.93 9.37
N GLY B 267 -28.38 -17.55 9.17
CA GLY B 267 -27.54 -17.12 10.27
C GLY B 267 -27.49 -15.62 10.35
ZN ZN C . 10.46 8.50 9.06
ZN ZN D . 9.09 8.25 12.34
S SO4 E . -3.99 30.24 1.37
O1 SO4 E . -3.09 29.96 0.25
O2 SO4 E . -5.12 31.03 0.92
O3 SO4 E . -4.54 29.02 1.92
O4 SO4 E . -3.30 31.03 2.41
S SO4 F . 4.57 22.52 29.95
O1 SO4 F . 4.05 21.17 29.68
O2 SO4 F . 3.48 23.49 30.08
O3 SO4 F . 5.39 22.47 31.18
O4 SO4 F . 5.40 23.00 28.84
S SO4 G . -12.06 24.79 24.98
O1 SO4 G . -12.39 24.31 23.64
O2 SO4 G . -13.29 24.91 25.78
O3 SO4 G . -11.16 23.89 25.67
O4 SO4 G . -11.40 26.08 24.83
S SO4 H . -7.23 26.12 2.71
O1 SO4 H . -6.69 25.59 1.45
O2 SO4 H . -8.66 25.87 2.75
O3 SO4 H . -6.57 25.41 3.80
O4 SO4 H . -7.00 27.57 2.82
O23 VI I . 13.02 8.37 12.47
C18 VI I . 13.22 7.33 13.17
O22 VI I . 14.28 7.14 13.79
C4 VI I . 12.24 6.22 13.19
N5 VI I . 11.99 5.28 14.09
C6 VI I . 12.49 5.24 15.33
C11 VI I . 12.22 6.37 16.17
C10 VI I . 12.63 6.51 17.47
C9 VI I . 13.30 5.43 18.05
C8 VI I . 13.56 4.26 17.31
C7 VI I . 13.16 4.17 15.96
N1 VI I . 10.97 4.39 13.78
C3 VI I . 11.34 5.86 12.07
C19 VI I . 11.17 6.61 10.81
O21 VI I . 10.21 7.48 10.76
O20 VI I . 11.95 6.45 9.87
C2 VI I . 10.54 4.69 12.55
C12 VI I . 9.47 3.93 11.87
C17 VI I . 8.75 3.02 12.65
C16 VI I . 7.68 2.30 12.08
C15 VI I . 7.34 2.52 10.76
C14 VI I . 8.07 3.44 9.98
C13 VI I . 9.12 4.15 10.54
ZN ZN J . -9.28 -12.66 -4.32
ZN ZN K . -7.00 -15.45 -4.14
S SO4 L . -1.13 -33.46 -17.40
O1 SO4 L . -0.22 -33.49 -18.54
O2 SO4 L . -1.55 -34.83 -16.98
O3 SO4 L . -0.45 -32.82 -16.27
O4 SO4 L . -2.30 -32.71 -17.83
S SO4 M . 11.60 -24.77 -25.30
O1 SO4 M . 13.00 -25.03 -24.96
O2 SO4 M . 10.73 -25.71 -24.61
O3 SO4 M . 11.27 -23.41 -24.90
O4 SO4 M . 11.40 -24.92 -26.73
S SO4 N . -3.61 -5.22 -30.04
O1 SO4 N . -2.83 -4.79 -31.18
O2 SO4 N . -4.31 -6.47 -30.43
O3 SO4 N . -2.72 -5.44 -28.92
O4 SO4 N . -4.62 -4.18 -29.74
S SO4 O . 0.92 -36.65 -22.93
O1 SO4 O . 1.41 -37.92 -23.45
O2 SO4 O . -0.46 -36.83 -22.54
O3 SO4 O . 1.72 -36.24 -21.78
O4 SO4 O . 0.99 -35.60 -23.96
O23 VI P . -10.47 -16.75 -3.34
C18 VI P . -10.30 -17.13 -2.17
O22 VI P . -11.09 -17.89 -1.57
C4 VI P . -9.15 -16.70 -1.35
N5 VI P . -8.44 -17.36 -0.42
C6 VI P . -8.55 -18.69 -0.15
C11 VI P . -8.41 -19.61 -1.22
C10 VI P . -8.49 -20.99 -1.06
C9 VI P . -8.69 -21.52 0.21
C8 VI P . -8.82 -20.66 1.30
C7 VI P . -8.72 -19.27 1.11
N1 VI P . -7.40 -16.60 0.16
C3 VI P . -8.58 -15.33 -1.34
C19 VI P . -9.02 -14.21 -2.20
O21 VI P . -8.37 -13.99 -3.29
O20 VI P . -9.99 -13.54 -1.81
C2 VI P . -7.45 -15.32 -0.35
C12 VI P . -6.52 -14.24 0.04
C17 VI P . -6.72 -12.91 -0.36
C16 VI P . -5.77 -11.95 0.00
C15 VI P . -4.64 -12.31 0.78
C14 VI P . -4.44 -13.64 1.18
C13 VI P . -5.39 -14.60 0.81
#